data_1JQ5
#
_entry.id   1JQ5
#
_cell.length_a   104.66
_cell.length_b   104.66
_cell.length_c   148.51
_cell.angle_alpha   90
_cell.angle_beta   90
_cell.angle_gamma   90
#
_symmetry.space_group_name_H-M   'I 4 2 2'
#
loop_
_entity.id
_entity.type
_entity.pdbx_description
1 polymer 'Glycerol dehydrogenase'
2 non-polymer 'ZINC ION'
3 non-polymer NICOTINAMIDE-ADENINE-DINUCLEOTIDE
4 water water
#
_entity_poly.entity_id   1
_entity_poly.type   'polypeptide(L)'
_entity_poly.pdbx_seq_one_letter_code
;MAAERVFISPAKYVQGKNVITKIANYLEGIGNKTVVIADEIVWKIAGHTIVNELKKGNIAAEEVVFSGEASRNEVERIAN
IARKAEAAIVIGVGGGKTLDTAKAVADELDAYIVIVPTAASTDAPTSALSVIYSDDGVFESYRFYKKNPDLVLVDTKIIA
NAPPRLLASGIADALATWVEARSVIKSGGKTMAGGIPTIAAEAIAEKCEQTLFKYGKLAYESVKAKVVTPALEAVVEANT
LLSGLGFESGGLAAAHAIHNGFTALEGEIHHLTHGEKVAFGTLVQLALEEHSQQEIERYIELYLCLDLPVTLEDIKLKDA
SREDILKVAKAATAEGETIHNAFNVTADDVADAIFAADQYAKAYKEKHRK
;
_entity_poly.pdbx_strand_id   A
#
# COMPACT_ATOMS: atom_id res chain seq x y z
N ALA A 2 -22.40 21.26 8.45
CA ALA A 2 -22.03 21.27 7.00
C ALA A 2 -21.89 19.87 6.42
N ALA A 3 -20.66 19.37 6.40
CA ALA A 3 -20.40 18.04 5.86
C ALA A 3 -20.05 17.10 7.01
N GLU A 4 -20.25 15.81 6.82
CA GLU A 4 -19.92 14.87 7.89
C GLU A 4 -18.50 14.38 7.73
N ARG A 5 -17.85 14.11 8.86
CA ARG A 5 -16.46 13.62 8.82
C ARG A 5 -16.57 12.16 9.23
N VAL A 6 -15.79 11.29 8.60
CA VAL A 6 -15.87 9.86 8.88
C VAL A 6 -14.47 9.32 9.04
N PHE A 7 -14.28 8.45 10.03
CA PHE A 7 -12.97 7.82 10.23
C PHE A 7 -13.25 6.33 10.38
N ILE A 8 -12.47 5.47 9.71
CA ILE A 8 -12.65 4.02 9.86
C ILE A 8 -11.28 3.42 10.15
N SER A 9 -11.27 2.22 10.71
CA SER A 9 -9.97 1.65 11.06
C SER A 9 -10.11 0.15 11.30
N PRO A 10 -9.00 -0.58 11.17
CA PRO A 10 -8.96 -2.03 11.44
C PRO A 10 -9.23 -2.06 12.97
N ALA A 11 -9.74 -3.17 13.50
CA ALA A 11 -10.03 -3.23 14.92
C ALA A 11 -8.80 -3.26 15.80
N LYS A 12 -7.77 -3.95 15.37
CA LYS A 12 -6.58 -4.03 16.24
C LYS A 12 -5.34 -4.13 15.39
N TYR A 13 -4.32 -3.34 15.76
CA TYR A 13 -3.06 -3.34 15.03
C TYR A 13 -2.00 -3.67 16.08
N VAL A 14 -1.16 -4.68 15.80
CA VAL A 14 -0.15 -5.09 16.76
C VAL A 14 1.15 -5.14 16.00
N GLN A 15 2.18 -4.49 16.53
CA GLN A 15 3.44 -4.48 15.83
C GLN A 15 4.61 -4.74 16.78
N GLY A 16 5.55 -5.59 16.39
CA GLY A 16 6.71 -5.75 17.25
C GLY A 16 7.59 -6.88 16.75
N LYS A 17 8.78 -7.03 17.34
CA LYS A 17 9.69 -8.08 16.92
C LYS A 17 9.17 -9.45 17.41
N ASN A 18 9.10 -10.42 16.50
CA ASN A 18 8.70 -11.79 16.82
C ASN A 18 7.25 -11.97 17.25
N VAL A 19 6.40 -11.01 16.93
CA VAL A 19 5.00 -11.13 17.33
C VAL A 19 4.29 -12.30 16.63
N ILE A 20 4.86 -12.79 15.55
CA ILE A 20 4.27 -13.91 14.82
C ILE A 20 4.14 -15.11 15.75
N THR A 21 5.03 -15.20 16.74
CA THR A 21 5.01 -16.34 17.67
C THR A 21 3.89 -16.26 18.70
N LYS A 22 3.16 -15.15 18.72
CA LYS A 22 2.04 -15.02 19.65
C LYS A 22 0.72 -15.19 18.91
N ILE A 23 0.76 -15.58 17.64
CA ILE A 23 -0.48 -15.65 16.91
C ILE A 23 -1.53 -16.54 17.57
N ALA A 24 -1.12 -17.68 18.13
CA ALA A 24 -2.09 -18.57 18.77
C ALA A 24 -2.76 -17.85 19.94
N ASN A 25 -2.02 -17.03 20.67
CA ASN A 25 -2.58 -16.27 21.80
C ASN A 25 -3.63 -15.23 21.38
N TYR A 26 -3.43 -14.59 20.23
CA TYR A 26 -4.40 -13.59 19.77
C TYR A 26 -5.66 -14.22 19.21
N LEU A 27 -5.68 -15.53 19.02
CA LEU A 27 -6.87 -16.16 18.46
C LEU A 27 -7.59 -17.06 19.43
N GLU A 28 -7.06 -17.24 20.63
CA GLU A 28 -7.71 -18.15 21.57
C GLU A 28 -9.22 -18.01 21.66
N GLY A 29 -9.72 -16.82 21.94
CA GLY A 29 -11.17 -16.67 22.03
C GLY A 29 -11.96 -16.77 20.73
N ILE A 30 -11.28 -16.54 19.61
CA ILE A 30 -11.91 -16.52 18.28
C ILE A 30 -12.32 -17.84 17.62
N GLY A 31 -11.42 -18.81 17.57
CA GLY A 31 -11.75 -20.07 16.92
C GLY A 31 -10.57 -21.04 16.88
N ASN A 32 -10.79 -22.23 16.32
CA ASN A 32 -9.74 -23.23 16.26
C ASN A 32 -9.55 -23.83 14.89
N LYS A 33 -10.21 -23.25 13.90
CA LYS A 33 -10.07 -23.72 12.53
C LYS A 33 -9.79 -22.52 11.66
N THR A 34 -8.61 -22.53 11.03
CA THR A 34 -8.18 -21.43 10.17
C THR A 34 -7.74 -21.90 8.81
N VAL A 35 -7.56 -20.95 7.91
CA VAL A 35 -7.04 -21.21 6.60
C VAL A 35 -5.87 -20.22 6.54
N VAL A 36 -4.72 -20.67 6.07
CA VAL A 36 -3.55 -19.81 5.97
C VAL A 36 -3.20 -19.69 4.51
N ILE A 37 -3.12 -18.45 4.04
CA ILE A 37 -2.83 -18.18 2.64
C ILE A 37 -1.48 -17.50 2.47
N ALA A 38 -0.61 -18.08 1.64
CA ALA A 38 0.70 -17.49 1.35
C ALA A 38 1.19 -18.00 -0.01
N ASP A 39 2.12 -17.29 -0.65
CA ASP A 39 2.65 -17.76 -1.91
C ASP A 39 3.81 -18.71 -1.56
N GLU A 40 4.43 -19.32 -2.56
CA GLU A 40 5.51 -20.29 -2.30
C GLU A 40 6.70 -19.77 -1.51
N ILE A 41 7.11 -18.56 -1.80
CA ILE A 41 8.24 -17.94 -1.13
C ILE A 41 7.92 -17.65 0.33
N VAL A 42 6.75 -17.05 0.55
CA VAL A 42 6.34 -16.67 1.88
C VAL A 42 6.04 -17.91 2.72
N TRP A 43 5.63 -19.02 2.11
CA TRP A 43 5.39 -20.18 2.95
C TRP A 43 6.69 -20.54 3.68
N LYS A 44 7.81 -20.40 2.97
CA LYS A 44 9.10 -20.73 3.58
C LYS A 44 9.58 -19.72 4.60
N ILE A 45 9.29 -18.45 4.34
CA ILE A 45 9.73 -17.39 5.22
C ILE A 45 8.94 -17.28 6.53
N ALA A 46 7.64 -17.48 6.45
CA ALA A 46 6.82 -17.32 7.62
C ALA A 46 5.61 -18.21 7.71
N GLY A 47 5.16 -18.72 6.56
CA GLY A 47 3.98 -19.54 6.60
C GLY A 47 4.09 -20.76 7.49
N HIS A 48 5.18 -21.51 7.36
CA HIS A 48 5.32 -22.72 8.19
C HIS A 48 5.46 -22.36 9.66
N THR A 49 6.17 -21.28 9.95
CA THR A 49 6.32 -20.87 11.33
C THR A 49 4.96 -20.59 11.96
N ILE A 50 4.09 -19.93 11.19
CA ILE A 50 2.77 -19.63 11.69
C ILE A 50 1.94 -20.90 11.93
N VAL A 51 1.95 -21.79 10.96
CA VAL A 51 1.21 -23.03 11.14
C VAL A 51 1.70 -23.76 12.41
N ASN A 52 3.03 -23.85 12.58
CA ASN A 52 3.59 -24.51 13.75
C ASN A 52 3.04 -23.92 15.04
N GLU A 53 3.03 -22.58 15.14
CA GLU A 53 2.52 -21.93 16.34
C GLU A 53 1.04 -22.23 16.54
N LEU A 54 0.27 -22.31 15.45
CA LEU A 54 -1.15 -22.61 15.58
C LEU A 54 -1.34 -24.05 16.06
N LYS A 55 -0.56 -24.97 15.51
CA LYS A 55 -0.67 -26.38 15.92
C LYS A 55 -0.39 -26.53 17.41
N LYS A 56 0.66 -25.88 17.89
CA LYS A 56 1.03 -25.91 19.31
C LYS A 56 -0.10 -25.40 20.18
N GLY A 57 -1.04 -24.68 19.58
CA GLY A 57 -2.17 -24.15 20.35
C GLY A 57 -3.44 -24.90 20.02
N ASN A 58 -3.30 -26.05 19.37
CA ASN A 58 -4.44 -26.87 18.98
C ASN A 58 -5.40 -26.16 18.03
N ILE A 59 -4.87 -25.27 17.22
CA ILE A 59 -5.69 -24.60 16.22
C ILE A 59 -5.32 -25.26 14.91
N ALA A 60 -6.34 -25.68 14.16
CA ALA A 60 -6.11 -26.37 12.91
C ALA A 60 -5.82 -25.34 11.85
N ALA A 61 -5.10 -25.74 10.80
CA ALA A 61 -4.81 -24.81 9.72
C ALA A 61 -4.74 -25.44 8.35
N GLU A 62 -5.66 -25.04 7.48
CA GLU A 62 -5.65 -25.51 6.11
C GLU A 62 -4.58 -24.68 5.40
N GLU A 63 -3.64 -25.36 4.78
CA GLU A 63 -2.57 -24.67 4.08
C GLU A 63 -2.88 -24.42 2.62
N VAL A 64 -2.91 -23.14 2.24
CA VAL A 64 -3.21 -22.78 0.88
C VAL A 64 -2.03 -22.07 0.21
N VAL A 65 -1.67 -22.50 -1.01
CA VAL A 65 -0.60 -21.86 -1.72
C VAL A 65 -1.27 -20.87 -2.67
N PHE A 66 -1.07 -19.58 -2.40
CA PHE A 66 -1.65 -18.50 -3.20
C PHE A 66 -0.98 -18.45 -4.59
N SER A 67 -1.80 -18.32 -5.63
CA SER A 67 -1.32 -18.30 -7.02
C SER A 67 -0.31 -17.20 -7.32
N GLY A 68 -0.53 -16.03 -6.72
CA GLY A 68 0.38 -14.92 -6.98
C GLY A 68 -0.34 -13.70 -7.50
N GLU A 69 -1.60 -13.86 -7.89
CA GLU A 69 -2.37 -12.71 -8.37
C GLU A 69 -3.69 -12.59 -7.63
N ALA A 70 -4.07 -11.34 -7.31
CA ALA A 70 -5.32 -11.07 -6.61
C ALA A 70 -6.45 -11.05 -7.64
N SER A 71 -6.90 -12.24 -8.06
CA SER A 71 -7.96 -12.33 -9.06
C SER A 71 -9.21 -13.03 -8.53
N ARG A 72 -10.33 -12.83 -9.22
CA ARG A 72 -11.62 -13.40 -8.80
C ARG A 72 -11.55 -14.90 -8.75
N ASN A 73 -10.89 -15.50 -9.74
CA ASN A 73 -10.80 -16.94 -9.78
C ASN A 73 -10.06 -17.48 -8.56
N GLU A 74 -8.93 -16.86 -8.22
CA GLU A 74 -8.15 -17.29 -7.05
C GLU A 74 -9.00 -17.16 -5.79
N VAL A 75 -9.68 -16.03 -5.63
CA VAL A 75 -10.54 -15.83 -4.48
C VAL A 75 -11.58 -16.96 -4.36
N GLU A 76 -12.24 -17.26 -5.47
CA GLU A 76 -13.26 -18.31 -5.50
C GLU A 76 -12.65 -19.62 -5.06
N ARG A 77 -11.50 -19.94 -5.65
CA ARG A 77 -10.81 -21.18 -5.33
C ARG A 77 -10.50 -21.33 -3.85
N ILE A 78 -9.92 -20.29 -3.27
CA ILE A 78 -9.55 -20.38 -1.86
C ILE A 78 -10.78 -20.45 -0.95
N ALA A 79 -11.81 -19.70 -1.31
CA ALA A 79 -13.02 -19.67 -0.51
C ALA A 79 -13.61 -21.08 -0.46
N ASN A 80 -13.58 -21.78 -1.59
CA ASN A 80 -14.12 -23.14 -1.61
C ASN A 80 -13.35 -24.02 -0.64
N ILE A 81 -12.03 -23.97 -0.75
CA ILE A 81 -11.14 -24.74 0.13
C ILE A 81 -11.47 -24.43 1.58
N ALA A 82 -11.64 -23.14 1.89
CA ALA A 82 -11.95 -22.71 3.25
C ALA A 82 -13.31 -23.17 3.73
N ARG A 83 -14.32 -23.09 2.88
CA ARG A 83 -15.67 -23.54 3.25
C ARG A 83 -15.57 -25.01 3.61
N LYS A 84 -14.98 -25.79 2.71
CA LYS A 84 -14.83 -27.22 2.94
C LYS A 84 -14.15 -27.48 4.28
N ALA A 85 -13.09 -26.72 4.56
CA ALA A 85 -12.38 -26.91 5.80
C ALA A 85 -13.12 -26.34 7.01
N GLU A 86 -14.25 -25.68 6.77
CA GLU A 86 -15.00 -25.13 7.90
C GLU A 86 -14.16 -24.07 8.64
N ALA A 87 -13.33 -23.34 7.91
CA ALA A 87 -12.49 -22.33 8.53
C ALA A 87 -13.30 -21.12 8.99
N ALA A 88 -13.05 -20.68 10.21
CA ALA A 88 -13.75 -19.53 10.78
C ALA A 88 -12.84 -18.30 10.74
N ILE A 89 -11.55 -18.53 10.50
CA ILE A 89 -10.53 -17.48 10.52
C ILE A 89 -9.70 -17.58 9.28
N VAL A 90 -9.45 -16.42 8.65
CA VAL A 90 -8.63 -16.38 7.46
C VAL A 90 -7.38 -15.62 7.82
N ILE A 91 -6.22 -16.19 7.53
CA ILE A 91 -4.94 -15.55 7.83
C ILE A 91 -4.22 -15.36 6.52
N GLY A 92 -4.01 -14.10 6.13
CA GLY A 92 -3.32 -13.78 4.88
C GLY A 92 -1.90 -13.41 5.28
N VAL A 93 -0.92 -14.03 4.63
CA VAL A 93 0.48 -13.82 4.95
C VAL A 93 1.27 -13.47 3.70
N GLY A 94 1.82 -12.26 3.65
CA GLY A 94 2.60 -11.91 2.48
C GLY A 94 2.54 -10.43 2.15
N GLY A 95 2.70 -10.13 0.87
CA GLY A 95 2.66 -8.77 0.36
C GLY A 95 1.23 -8.35 0.01
N GLY A 96 1.11 -7.16 -0.56
CA GLY A 96 -0.20 -6.63 -0.90
C GLY A 96 -1.16 -7.54 -1.65
N LYS A 97 -0.70 -8.23 -2.67
CA LYS A 97 -1.64 -9.09 -3.40
C LYS A 97 -2.20 -10.23 -2.57
N THR A 98 -1.36 -10.82 -1.71
CA THR A 98 -1.84 -11.91 -0.86
C THR A 98 -2.87 -11.37 0.14
N LEU A 99 -2.57 -10.20 0.72
CA LEU A 99 -3.45 -9.63 1.72
C LEU A 99 -4.79 -9.22 1.12
N ASP A 100 -4.76 -8.62 -0.07
CA ASP A 100 -6.00 -8.19 -0.73
C ASP A 100 -6.84 -9.44 -1.04
N THR A 101 -6.19 -10.53 -1.44
CA THR A 101 -6.92 -11.77 -1.71
C THR A 101 -7.55 -12.33 -0.45
N ALA A 102 -6.82 -12.33 0.66
CA ALA A 102 -7.32 -12.83 1.92
C ALA A 102 -8.56 -12.06 2.39
N LYS A 103 -8.54 -10.74 2.21
CA LYS A 103 -9.72 -9.96 2.61
C LYS A 103 -10.98 -10.38 1.85
N ALA A 104 -10.80 -10.68 0.56
CA ALA A 104 -11.91 -11.08 -0.30
C ALA A 104 -12.44 -12.43 0.14
N VAL A 105 -11.52 -13.35 0.40
CA VAL A 105 -11.90 -14.68 0.88
C VAL A 105 -12.65 -14.55 2.21
N ALA A 106 -12.15 -13.73 3.13
CA ALA A 106 -12.83 -13.58 4.41
C ALA A 106 -14.24 -12.99 4.24
N ASP A 107 -14.41 -12.11 3.27
CA ASP A 107 -15.69 -11.47 3.05
C ASP A 107 -16.72 -12.50 2.57
N GLU A 108 -16.25 -13.38 1.70
CA GLU A 108 -17.12 -14.44 1.14
C GLU A 108 -17.63 -15.36 2.23
N LEU A 109 -16.81 -15.55 3.27
CA LEU A 109 -17.15 -16.44 4.36
C LEU A 109 -17.64 -15.78 5.61
N ASP A 110 -17.58 -14.46 5.65
CA ASP A 110 -17.95 -13.72 6.84
C ASP A 110 -17.06 -14.23 7.98
N ALA A 111 -15.77 -14.40 7.68
CA ALA A 111 -14.81 -14.89 8.66
C ALA A 111 -14.00 -13.77 9.30
N TYR A 112 -13.35 -14.09 10.41
CA TYR A 112 -12.47 -13.15 11.15
C TYR A 112 -11.24 -13.11 10.24
N ILE A 113 -10.67 -11.94 10.04
CA ILE A 113 -9.52 -11.88 9.12
C ILE A 113 -8.27 -11.34 9.80
N VAL A 114 -7.17 -12.09 9.68
CA VAL A 114 -5.90 -11.69 10.28
C VAL A 114 -4.97 -11.38 9.10
N ILE A 115 -4.36 -10.20 9.10
CA ILE A 115 -3.49 -9.75 8.03
C ILE A 115 -2.08 -9.72 8.59
N VAL A 116 -1.15 -10.47 7.97
CA VAL A 116 0.22 -10.55 8.48
C VAL A 116 1.12 -10.16 7.33
N PRO A 117 1.51 -8.87 7.26
CA PRO A 117 2.38 -8.44 6.16
CA PRO A 117 2.37 -8.49 6.13
C PRO A 117 3.79 -8.96 6.39
N THR A 118 4.44 -9.48 5.35
CA THR A 118 5.81 -9.94 5.52
C THR A 118 6.80 -8.94 4.91
N ALA A 119 6.28 -7.79 4.43
CA ALA A 119 7.13 -6.70 3.94
C ALA A 119 6.27 -5.46 4.24
N ALA A 120 6.93 -4.31 4.46
CA ALA A 120 6.18 -3.08 4.73
C ALA A 120 6.24 -2.35 3.40
N SER A 121 5.65 -2.94 2.35
CA SER A 121 5.75 -2.42 0.99
C SER A 121 4.62 -1.55 0.44
N THR A 122 3.46 -1.55 1.10
CA THR A 122 2.32 -0.73 0.64
C THR A 122 1.47 -0.50 1.87
N ASP A 123 0.46 0.34 1.73
CA ASP A 123 -0.46 0.54 2.84
C ASP A 123 -1.74 -0.27 2.69
N ALA A 124 -1.63 -1.38 1.95
CA ALA A 124 -2.77 -2.29 1.81
C ALA A 124 -3.23 -2.94 3.10
N PRO A 125 -2.31 -3.28 4.00
CA PRO A 125 -2.74 -3.96 5.23
C PRO A 125 -3.96 -3.56 6.01
N THR A 126 -4.11 -2.26 6.29
CA THR A 126 -5.21 -1.85 7.14
C THR A 126 -6.52 -1.51 6.47
N SER A 127 -6.51 -1.41 5.16
CA SER A 127 -7.66 -0.88 4.45
C SER A 127 -8.86 -1.77 4.16
N ALA A 128 -10.02 -1.14 4.03
CA ALA A 128 -11.27 -1.90 3.76
C ALA A 128 -11.50 -2.03 2.27
N LEU A 129 -10.46 -2.35 1.53
CA LEU A 129 -10.66 -2.61 0.12
C LEU A 129 -9.56 -3.53 -0.43
N SER A 130 -9.85 -4.20 -1.54
CA SER A 130 -8.87 -5.08 -2.21
C SER A 130 -8.82 -4.57 -3.64
N VAL A 131 -7.66 -4.66 -4.27
CA VAL A 131 -7.51 -4.27 -5.67
C VAL A 131 -7.47 -5.60 -6.40
N ILE A 132 -8.47 -5.82 -7.26
CA ILE A 132 -8.59 -7.08 -8.00
C ILE A 132 -8.04 -6.97 -9.41
N TYR A 133 -7.29 -7.99 -9.83
CA TYR A 133 -6.69 -8.03 -11.15
C TYR A 133 -7.20 -9.21 -11.94
N SER A 134 -6.91 -9.21 -13.23
CA SER A 134 -7.30 -10.32 -14.10
C SER A 134 -6.26 -11.39 -13.77
N ASP A 135 -6.54 -12.62 -14.17
CA ASP A 135 -5.58 -13.68 -13.91
C ASP A 135 -4.22 -13.37 -14.52
N ASP A 136 -4.23 -12.60 -15.62
CA ASP A 136 -3.00 -12.22 -16.32
C ASP A 136 -2.23 -11.03 -15.73
N GLY A 137 -2.77 -10.43 -14.67
CA GLY A 137 -2.09 -9.31 -14.04
C GLY A 137 -2.52 -7.93 -14.49
N VAL A 138 -3.70 -7.81 -15.06
CA VAL A 138 -4.20 -6.52 -15.52
C VAL A 138 -5.25 -6.05 -14.53
N PHE A 139 -5.15 -4.79 -14.11
CA PHE A 139 -6.12 -4.25 -13.17
C PHE A 139 -7.52 -4.52 -13.68
N GLU A 140 -8.45 -4.79 -12.77
CA GLU A 140 -9.81 -5.08 -13.18
C GLU A 140 -10.81 -4.24 -12.41
N SER A 141 -10.72 -4.28 -11.08
CA SER A 141 -11.65 -3.51 -10.26
C SER A 141 -11.22 -3.43 -8.80
N TYR A 142 -12.08 -2.78 -8.02
CA TYR A 142 -11.90 -2.62 -6.59
C TYR A 142 -13.00 -3.39 -5.91
N ARG A 143 -12.71 -3.85 -4.72
CA ARG A 143 -13.64 -4.63 -3.93
C ARG A 143 -13.65 -3.97 -2.56
N PHE A 144 -14.74 -3.28 -2.21
CA PHE A 144 -14.82 -2.60 -0.91
C PHE A 144 -15.58 -3.46 0.08
N TYR A 145 -15.19 -3.36 1.35
CA TYR A 145 -15.87 -4.16 2.37
C TYR A 145 -16.60 -3.35 3.40
N LYS A 146 -17.48 -4.01 4.14
CA LYS A 146 -18.22 -3.35 5.21
C LYS A 146 -17.35 -3.16 6.44
N LYS A 147 -16.20 -3.85 6.46
CA LYS A 147 -15.30 -3.74 7.60
C LYS A 147 -13.82 -3.74 7.21
N ASN A 148 -13.00 -3.09 8.03
CA ASN A 148 -11.55 -3.12 7.82
C ASN A 148 -11.15 -4.44 8.51
N PRO A 149 -9.92 -4.91 8.28
CA PRO A 149 -9.48 -6.18 8.90
C PRO A 149 -9.58 -6.16 10.43
N ASP A 150 -9.81 -7.33 11.02
CA ASP A 150 -9.96 -7.46 12.45
C ASP A 150 -8.63 -7.37 13.17
N LEU A 151 -7.60 -7.94 12.58
CA LEU A 151 -6.29 -7.93 13.26
C LEU A 151 -5.18 -7.78 12.23
N VAL A 152 -4.30 -6.80 12.43
CA VAL A 152 -3.17 -6.62 11.52
C VAL A 152 -1.99 -6.90 12.45
N LEU A 153 -1.18 -7.89 12.09
CA LEU A 153 -0.08 -8.33 12.94
C LEU A 153 1.21 -8.13 12.18
N VAL A 154 2.04 -7.20 12.67
CA VAL A 154 3.23 -6.82 11.94
C VAL A 154 4.48 -7.19 12.68
N ASP A 155 5.21 -8.19 12.18
CA ASP A 155 6.46 -8.64 12.86
C ASP A 155 7.66 -7.95 12.24
N THR A 156 8.31 -7.05 12.98
CA THR A 156 9.42 -6.29 12.41
C THR A 156 10.65 -7.13 12.15
N LYS A 157 10.75 -8.29 12.79
CA LYS A 157 11.91 -9.15 12.54
C LYS A 157 11.76 -9.71 11.12
N ILE A 158 10.55 -10.12 10.78
CA ILE A 158 10.31 -10.64 9.45
C ILE A 158 10.56 -9.55 8.43
N ILE A 159 10.11 -8.34 8.70
CA ILE A 159 10.30 -7.26 7.74
C ILE A 159 11.76 -6.79 7.63
N ALA A 160 12.54 -6.87 8.72
CA ALA A 160 13.96 -6.52 8.67
C ALA A 160 14.73 -7.44 7.72
N ASN A 161 14.19 -8.63 7.51
CA ASN A 161 14.88 -9.58 6.62
C ASN A 161 14.33 -9.58 5.20
N ALA A 162 13.30 -8.77 4.95
CA ALA A 162 12.72 -8.69 3.61
C ALA A 162 13.63 -7.78 2.74
N PRO A 163 13.57 -7.94 1.41
CA PRO A 163 14.39 -7.14 0.49
C PRO A 163 14.34 -5.63 0.74
N PRO A 164 15.49 -4.95 0.78
CA PRO A 164 15.45 -3.50 1.00
C PRO A 164 14.52 -2.79 -0.01
N ARG A 165 14.45 -3.30 -1.24
CA ARG A 165 13.59 -2.67 -2.25
C ARG A 165 12.15 -2.61 -1.83
N LEU A 166 11.72 -3.59 -1.04
CA LEU A 166 10.31 -3.60 -0.59
C LEU A 166 10.10 -2.57 0.51
N LEU A 167 11.12 -2.30 1.32
CA LEU A 167 10.94 -1.23 2.35
C LEU A 167 10.93 0.11 1.61
N ALA A 168 11.85 0.30 0.67
CA ALA A 168 11.87 1.57 -0.07
C ALA A 168 10.52 1.77 -0.77
N SER A 169 9.96 0.71 -1.36
CA SER A 169 8.64 0.86 -1.99
C SER A 169 7.57 1.30 -1.00
N GLY A 170 7.63 0.76 0.21
CA GLY A 170 6.65 1.09 1.23
C GLY A 170 6.83 2.55 1.65
N ILE A 171 8.08 2.99 1.76
CA ILE A 171 8.30 4.40 2.12
C ILE A 171 7.73 5.29 1.02
N ALA A 172 7.96 4.92 -0.25
CA ALA A 172 7.37 5.69 -1.34
C ALA A 172 5.83 5.77 -1.23
N ASP A 173 5.17 4.63 -0.99
CA ASP A 173 3.72 4.67 -0.89
C ASP A 173 3.32 5.58 0.29
N ALA A 174 4.03 5.48 1.39
CA ALA A 174 3.70 6.29 2.56
C ALA A 174 4.03 7.77 2.39
N LEU A 175 5.02 8.12 1.57
CA LEU A 175 5.32 9.55 1.40
C LEU A 175 4.18 10.25 0.64
N ALA A 176 3.35 9.47 -0.04
CA ALA A 176 2.26 10.10 -0.80
C ALA A 176 1.16 10.53 0.15
N THR A 177 1.16 9.94 1.35
CA THR A 177 0.05 10.16 2.30
C THR A 177 -0.26 11.59 2.64
N TRP A 178 0.74 12.30 3.15
CA TRP A 178 0.47 13.69 3.50
C TRP A 178 0.23 14.55 2.26
N VAL A 179 1.05 14.39 1.23
CA VAL A 179 0.85 15.20 0.05
C VAL A 179 -0.60 15.06 -0.45
N GLU A 180 -1.10 13.83 -0.54
CA GLU A 180 -2.48 13.70 -1.01
C GLU A 180 -3.54 14.12 0.00
N ALA A 181 -3.39 13.73 1.26
CA ALA A 181 -4.44 14.13 2.23
C ALA A 181 -4.49 15.65 2.39
N ARG A 182 -3.32 16.30 2.41
CA ARG A 182 -3.30 17.76 2.58
C ARG A 182 -4.09 18.40 1.44
N SER A 183 -3.94 17.87 0.21
CA SER A 183 -4.65 18.46 -0.91
C SER A 183 -6.17 18.28 -0.80
N VAL A 184 -6.60 17.16 -0.21
CA VAL A 184 -8.03 16.92 -0.03
C VAL A 184 -8.58 17.78 1.09
N ILE A 185 -7.81 17.92 2.17
CA ILE A 185 -8.25 18.77 3.29
C ILE A 185 -8.44 20.21 2.80
N LYS A 186 -7.50 20.69 1.99
CA LYS A 186 -7.58 22.06 1.48
C LYS A 186 -8.71 22.28 0.51
N SER A 187 -9.04 21.28 -0.29
CA SER A 187 -10.08 21.45 -1.29
C SER A 187 -11.49 21.13 -0.84
N GLY A 188 -11.62 20.61 0.38
CA GLY A 188 -12.93 20.25 0.87
C GLY A 188 -13.46 18.98 0.23
N GLY A 189 -12.57 18.14 -0.33
CA GLY A 189 -13.03 16.91 -0.95
C GLY A 189 -13.31 15.77 0.05
N LYS A 190 -13.67 14.62 -0.48
CA LYS A 190 -14.05 13.50 0.34
C LYS A 190 -12.97 12.45 0.37
N THR A 191 -13.06 11.58 1.36
CA THR A 191 -12.10 10.48 1.49
C THR A 191 -12.77 9.16 1.12
N MET A 192 -12.00 8.08 1.15
CA MET A 192 -12.57 6.77 0.82
C MET A 192 -13.50 6.32 1.94
N ALA A 193 -13.33 6.88 3.13
CA ALA A 193 -14.19 6.54 4.27
C ALA A 193 -15.60 7.08 4.06
N GLY A 194 -15.74 8.05 3.17
CA GLY A 194 -17.06 8.60 2.88
C GLY A 194 -17.38 10.05 3.19
N GLY A 195 -16.53 10.75 3.92
CA GLY A 195 -16.86 12.11 4.27
C GLY A 195 -15.66 12.97 4.16
N ILE A 196 -15.65 14.10 4.86
CA ILE A 196 -14.48 14.93 4.79
C ILE A 196 -13.52 14.35 5.83
N PRO A 197 -12.24 14.67 5.72
CA PRO A 197 -11.33 14.11 6.71
CA PRO A 197 -11.27 14.18 6.74
C PRO A 197 -11.63 14.64 8.12
N THR A 198 -11.25 13.84 9.13
CA THR A 198 -11.33 14.22 10.54
C THR A 198 -9.99 14.88 10.90
N ILE A 199 -9.93 15.51 12.06
CA ILE A 199 -8.66 16.05 12.53
C ILE A 199 -7.74 14.86 12.83
N ALA A 200 -8.32 13.76 13.30
CA ALA A 200 -7.48 12.57 13.57
C ALA A 200 -6.70 12.15 12.32
N ALA A 201 -7.35 12.09 11.17
CA ALA A 201 -6.68 11.66 9.96
C ALA A 201 -5.59 12.67 9.54
N GLU A 202 -5.89 13.94 9.71
CA GLU A 202 -4.92 14.96 9.37
C GLU A 202 -3.69 14.83 10.26
N ALA A 203 -3.90 14.61 11.55
CA ALA A 203 -2.75 14.47 12.48
C ALA A 203 -1.92 13.26 12.10
N ILE A 204 -2.61 12.17 11.78
CA ILE A 204 -1.94 10.94 11.40
C ILE A 204 -1.15 11.10 10.11
N ALA A 205 -1.78 11.72 9.11
CA ALA A 205 -1.11 11.88 7.83
C ALA A 205 0.09 12.78 7.92
N GLU A 206 -0.04 13.89 8.63
CA GLU A 206 1.09 14.80 8.74
C GLU A 206 2.23 14.13 9.54
N LYS A 207 1.90 13.36 10.58
CA LYS A 207 2.95 12.70 11.36
C LYS A 207 3.64 11.63 10.49
N CYS A 208 2.89 11.07 9.56
CA CYS A 208 3.46 10.06 8.66
C CYS A 208 4.67 10.66 7.92
N GLU A 209 4.46 11.83 7.32
CA GLU A 209 5.54 12.44 6.56
C GLU A 209 6.71 12.79 7.47
N GLN A 210 6.44 13.38 8.64
CA GLN A 210 7.52 13.74 9.56
C GLN A 210 8.33 12.53 9.94
N THR A 211 7.64 11.43 10.19
CA THR A 211 8.33 10.20 10.59
C THR A 211 9.25 9.69 9.51
N LEU A 212 8.78 9.73 8.27
CA LEU A 212 9.58 9.25 7.16
C LEU A 212 10.79 10.12 6.90
N PHE A 213 10.65 11.44 6.99
CA PHE A 213 11.83 12.28 6.75
C PHE A 213 12.84 12.10 7.87
N LYS A 214 12.35 11.85 9.08
CA LYS A 214 13.28 11.71 10.18
C LYS A 214 13.99 10.40 10.28
N TYR A 215 13.29 9.31 9.97
CA TYR A 215 13.86 7.99 10.18
C TYR A 215 13.98 7.11 8.94
N GLY A 216 13.46 7.58 7.81
CA GLY A 216 13.46 6.75 6.62
C GLY A 216 14.82 6.20 6.18
N LYS A 217 15.82 7.06 6.13
CA LYS A 217 17.14 6.55 5.70
C LYS A 217 17.71 5.58 6.70
N LEU A 218 17.57 5.88 7.99
CA LEU A 218 18.10 4.95 9.01
C LEU A 218 17.38 3.62 8.91
N ALA A 219 16.08 3.63 8.62
CA ALA A 219 15.32 2.38 8.51
C ALA A 219 15.81 1.58 7.30
N TYR A 220 16.11 2.28 6.22
CA TYR A 220 16.57 1.63 5.01
C TYR A 220 17.93 0.97 5.30
N GLU A 221 18.80 1.68 6.01
CA GLU A 221 20.12 1.09 6.36
C GLU A 221 19.93 -0.07 7.32
N SER A 222 18.91 0.00 8.18
CA SER A 222 18.67 -1.10 9.11
C SER A 222 18.32 -2.39 8.35
N VAL A 223 17.46 -2.26 7.35
CA VAL A 223 17.07 -3.42 6.57
C VAL A 223 18.25 -3.98 5.78
N LYS A 224 19.11 -3.09 5.29
CA LYS A 224 20.28 -3.54 4.51
C LYS A 224 21.13 -4.46 5.40
N ALA A 225 21.21 -4.14 6.69
CA ALA A 225 21.99 -4.95 7.65
C ALA A 225 21.14 -6.01 8.33
N LYS A 226 19.86 -6.10 7.95
CA LYS A 226 18.92 -7.06 8.51
C LYS A 226 18.78 -7.05 10.01
N VAL A 227 18.63 -5.86 10.57
CA VAL A 227 18.48 -5.71 12.01
C VAL A 227 17.27 -4.83 12.30
N VAL A 228 16.75 -5.01 13.49
CA VAL A 228 15.59 -4.23 13.93
C VAL A 228 16.11 -3.11 14.85
N THR A 229 15.72 -1.89 14.54
CA THR A 229 16.14 -0.72 15.31
C THR A 229 14.93 0.14 15.57
N PRO A 230 15.03 1.12 16.48
CA PRO A 230 13.87 1.98 16.73
C PRO A 230 13.45 2.71 15.42
N ALA A 231 14.44 3.06 14.59
CA ALA A 231 14.16 3.73 13.32
C ALA A 231 13.30 2.85 12.44
N LEU A 232 13.65 1.57 12.36
CA LEU A 232 12.84 0.64 11.55
C LEU A 232 11.45 0.50 12.14
N GLU A 233 11.33 0.34 13.47
CA GLU A 233 10.00 0.24 14.09
C GLU A 233 9.15 1.46 13.74
N ALA A 234 9.74 2.65 13.78
CA ALA A 234 8.95 3.84 13.45
C ALA A 234 8.49 3.85 12.01
N VAL A 235 9.37 3.49 11.08
CA VAL A 235 9.03 3.53 9.65
C VAL A 235 8.06 2.40 9.29
N VAL A 236 8.18 1.25 9.93
CA VAL A 236 7.19 0.20 9.64
C VAL A 236 5.80 0.68 10.10
N GLU A 237 5.72 1.35 11.25
CA GLU A 237 4.40 1.86 11.66
C GLU A 237 3.96 2.93 10.64
N ALA A 238 4.86 3.81 10.24
CA ALA A 238 4.44 4.84 9.26
C ALA A 238 3.98 4.22 7.95
N ASN A 239 4.69 3.19 7.50
CA ASN A 239 4.31 2.57 6.23
C ASN A 239 3.04 1.79 6.29
N THR A 240 2.65 1.39 7.50
CA THR A 240 1.48 0.53 7.63
C THR A 240 0.28 1.17 8.29
N LEU A 241 0.43 1.53 9.56
CA LEU A 241 -0.71 2.12 10.26
C LEU A 241 -0.89 3.59 9.85
N LEU A 242 0.18 4.40 9.84
CA LEU A 242 -0.10 5.79 9.54
C LEU A 242 -0.49 6.01 8.10
N SER A 243 0.21 5.37 7.20
CA SER A 243 -0.07 5.53 5.77
C SER A 243 -1.44 4.95 5.46
N GLY A 244 -1.76 3.82 6.10
CA GLY A 244 -3.05 3.18 5.88
C GLY A 244 -4.23 4.04 6.33
N LEU A 245 -4.21 4.53 7.56
CA LEU A 245 -5.30 5.37 8.02
C LEU A 245 -5.29 6.67 7.28
N GLY A 246 -4.10 7.19 7.03
CA GLY A 246 -4.03 8.47 6.37
C GLY A 246 -4.58 8.46 4.97
N PHE A 247 -4.33 7.42 4.20
CA PHE A 247 -4.91 7.50 2.87
C PHE A 247 -6.38 7.22 2.82
N GLU A 248 -6.81 6.26 3.61
CA GLU A 248 -8.20 5.84 3.56
C GLU A 248 -9.11 6.84 4.19
N SER A 249 -8.70 7.39 5.34
CA SER A 249 -9.56 8.33 6.05
C SER A 249 -9.06 9.77 5.88
N GLY A 250 -7.94 9.93 5.16
CA GLY A 250 -7.36 11.25 4.93
C GLY A 250 -7.60 11.74 3.51
N GLY A 251 -7.61 10.82 2.55
CA GLY A 251 -7.88 11.18 1.17
C GLY A 251 -6.81 10.88 0.15
N LEU A 252 -7.25 10.54 -1.06
CA LEU A 252 -6.37 10.27 -2.19
C LEU A 252 -6.59 11.43 -3.15
N ALA A 253 -5.58 11.68 -3.98
CA ALA A 253 -5.69 12.78 -4.92
C ALA A 253 -4.96 12.45 -6.21
N ALA A 254 -4.00 13.26 -6.62
CA ALA A 254 -3.41 12.99 -7.92
C ALA A 254 -2.36 11.89 -7.96
N ALA A 255 -1.60 11.73 -6.88
CA ALA A 255 -0.50 10.76 -6.91
C ALA A 255 -1.00 9.37 -7.23
N HIS A 256 -2.05 8.93 -6.54
CA HIS A 256 -2.54 7.59 -6.83
C HIS A 256 -3.30 7.52 -8.16
N ALA A 257 -3.90 8.63 -8.59
CA ALA A 257 -4.58 8.62 -9.89
C ALA A 257 -3.54 8.42 -10.99
N ILE A 258 -2.35 9.03 -10.86
CA ILE A 258 -1.32 8.86 -11.87
C ILE A 258 -0.88 7.40 -11.87
N HIS A 259 -0.70 6.84 -10.67
CA HIS A 259 -0.29 5.44 -10.54
C HIS A 259 -1.30 4.58 -11.33
N ASN A 260 -2.58 4.87 -11.18
CA ASN A 260 -3.60 4.08 -11.89
C ASN A 260 -3.54 4.32 -13.39
N GLY A 261 -3.19 5.53 -13.79
CA GLY A 261 -3.13 5.87 -15.20
C GLY A 261 -2.10 5.04 -15.95
N PHE A 262 -1.09 4.55 -15.25
CA PHE A 262 -0.07 3.74 -15.93
C PHE A 262 -0.67 2.44 -16.48
N THR A 263 -1.82 2.03 -15.98
CA THR A 263 -2.37 0.77 -16.50
C THR A 263 -2.88 0.93 -17.94
N ALA A 264 -2.87 2.15 -18.44
CA ALA A 264 -3.31 2.39 -19.81
C ALA A 264 -2.19 1.98 -20.74
N LEU A 265 -1.02 1.72 -20.16
CA LEU A 265 0.12 1.34 -20.98
C LEU A 265 0.55 -0.10 -20.75
N GLU A 266 1.12 -0.72 -21.78
CA GLU A 266 1.61 -2.07 -21.63
C GLU A 266 3.12 -1.94 -21.63
N GLY A 267 3.83 -2.81 -20.94
CA GLY A 267 5.28 -2.67 -20.99
C GLY A 267 6.00 -2.99 -19.70
N GLU A 268 7.28 -2.74 -19.71
CA GLU A 268 8.15 -3.03 -18.59
C GLU A 268 7.86 -2.20 -17.37
N ILE A 269 7.11 -1.12 -17.54
CA ILE A 269 6.78 -0.31 -16.38
C ILE A 269 6.02 -1.14 -15.36
N HIS A 270 5.30 -2.17 -15.82
CA HIS A 270 4.53 -2.97 -14.90
C HIS A 270 5.27 -3.98 -14.03
N HIS A 271 6.57 -4.01 -14.17
CA HIS A 271 7.40 -4.82 -13.31
C HIS A 271 7.79 -3.96 -12.11
N LEU A 272 7.46 -2.66 -12.14
CA LEU A 272 7.83 -1.81 -10.99
C LEU A 272 6.82 -2.10 -9.89
N THR A 273 7.17 -1.79 -8.65
CA THR A 273 6.24 -2.04 -7.58
C THR A 273 5.19 -0.93 -7.50
N HIS A 274 4.17 -1.19 -6.72
CA HIS A 274 3.12 -0.19 -6.49
C HIS A 274 3.78 1.09 -5.94
N GLY A 275 4.67 0.94 -4.94
CA GLY A 275 5.31 2.11 -4.34
C GLY A 275 6.21 2.88 -5.28
N GLU A 276 6.93 2.17 -6.15
CA GLU A 276 7.83 2.82 -7.09
C GLU A 276 7.04 3.69 -8.06
N LYS A 277 5.89 3.20 -8.49
CA LYS A 277 5.05 3.99 -9.39
C LYS A 277 4.48 5.22 -8.65
N VAL A 278 4.13 5.02 -7.37
CA VAL A 278 3.54 6.10 -6.55
C VAL A 278 4.56 7.19 -6.30
N ALA A 279 5.85 6.84 -6.18
CA ALA A 279 6.89 7.85 -5.96
C ALA A 279 6.85 8.83 -7.14
N PHE A 280 6.83 8.31 -8.35
CA PHE A 280 6.78 9.24 -9.48
C PHE A 280 5.46 10.02 -9.48
N GLY A 281 4.37 9.33 -9.16
CA GLY A 281 3.07 9.99 -9.13
C GLY A 281 3.05 11.13 -8.13
N THR A 282 3.79 10.96 -7.03
CA THR A 282 3.86 12.03 -6.03
C THR A 282 4.59 13.26 -6.59
N LEU A 283 5.68 13.04 -7.32
CA LEU A 283 6.37 14.18 -7.93
C LEU A 283 5.44 14.89 -8.89
N VAL A 284 4.63 14.13 -9.62
CA VAL A 284 3.71 14.77 -10.55
C VAL A 284 2.72 15.63 -9.77
N GLN A 285 2.17 15.10 -8.68
CA GLN A 285 1.28 15.94 -7.92
C GLN A 285 2.00 17.23 -7.42
N LEU A 286 3.25 17.11 -7.01
CA LEU A 286 3.92 18.32 -6.53
C LEU A 286 4.12 19.30 -7.68
N ALA A 287 4.29 18.80 -8.89
CA ALA A 287 4.47 19.69 -10.05
C ALA A 287 3.15 20.37 -10.42
N LEU A 288 2.02 19.82 -9.95
CA LEU A 288 0.71 20.40 -10.23
C LEU A 288 0.34 21.41 -9.17
N GLU A 289 1.10 21.43 -8.08
CA GLU A 289 0.88 22.35 -6.94
C GLU A 289 1.83 23.54 -7.04
N GLU A 290 1.67 24.49 -6.13
CA GLU A 290 2.53 25.67 -6.15
C GLU A 290 3.56 25.44 -5.06
N HIS A 291 4.72 24.95 -5.45
CA HIS A 291 5.82 24.74 -4.51
C HIS A 291 7.03 25.39 -5.14
N SER A 292 7.96 25.78 -4.30
CA SER A 292 9.22 26.37 -4.77
C SER A 292 10.11 25.21 -5.20
N GLN A 293 11.20 25.52 -5.88
CA GLN A 293 12.12 24.47 -6.27
C GLN A 293 12.67 23.70 -5.07
N GLN A 294 13.00 24.41 -3.99
CA GLN A 294 13.57 23.79 -2.78
C GLN A 294 12.62 22.78 -2.17
N GLU A 295 11.34 23.12 -2.14
CA GLU A 295 10.36 22.21 -1.58
C GLU A 295 10.38 20.91 -2.39
N ILE A 296 10.28 21.03 -3.71
CA ILE A 296 10.23 19.81 -4.56
C ILE A 296 11.52 18.99 -4.41
N GLU A 297 12.66 19.68 -4.41
CA GLU A 297 13.92 18.97 -4.27
C GLU A 297 14.09 18.20 -2.96
N ARG A 298 13.39 18.64 -1.91
CA ARG A 298 13.42 17.94 -0.62
C ARG A 298 12.93 16.48 -0.81
N TYR A 299 11.92 16.30 -1.68
CA TYR A 299 11.40 14.95 -1.92
C TYR A 299 12.30 14.18 -2.86
N ILE A 300 12.71 14.83 -3.95
CA ILE A 300 13.61 14.19 -4.92
C ILE A 300 14.86 13.66 -4.23
N GLU A 301 15.46 14.48 -3.38
CA GLU A 301 16.64 14.06 -2.64
C GLU A 301 16.37 12.77 -1.85
N LEU A 302 15.26 12.70 -1.12
CA LEU A 302 14.96 11.48 -0.38
C LEU A 302 14.72 10.27 -1.27
N TYR A 303 13.99 10.44 -2.37
CA TYR A 303 13.74 9.32 -3.28
C TYR A 303 15.07 8.78 -3.80
N LEU A 304 15.98 9.68 -4.18
CA LEU A 304 17.26 9.20 -4.72
C LEU A 304 18.06 8.41 -3.70
N CYS A 305 18.05 8.86 -2.45
CA CYS A 305 18.76 8.18 -1.38
C CYS A 305 18.21 6.78 -1.20
N LEU A 306 16.92 6.59 -1.49
CA LEU A 306 16.28 5.30 -1.30
C LEU A 306 16.22 4.46 -2.57
N ASP A 307 16.92 4.95 -3.59
CA ASP A 307 17.00 4.29 -4.88
C ASP A 307 15.65 4.17 -5.56
N LEU A 308 14.79 5.18 -5.38
CA LEU A 308 13.46 5.16 -5.95
C LEU A 308 13.48 5.95 -7.26
N PRO A 309 12.59 5.62 -8.21
CA PRO A 309 12.55 6.31 -9.50
C PRO A 309 12.04 7.74 -9.44
N VAL A 310 12.69 8.65 -10.18
CA VAL A 310 12.25 10.04 -10.20
C VAL A 310 12.12 10.58 -11.63
N THR A 311 12.49 9.78 -12.64
CA THR A 311 12.38 10.28 -14.02
C THR A 311 11.59 9.29 -14.89
N LEU A 312 11.18 9.72 -16.09
CA LEU A 312 10.45 8.83 -16.96
C LEU A 312 11.40 7.67 -17.33
N GLU A 313 12.68 7.96 -17.52
CA GLU A 313 13.58 6.85 -17.81
C GLU A 313 13.60 5.81 -16.68
N ASP A 314 13.57 6.26 -15.43
CA ASP A 314 13.57 5.34 -14.29
C ASP A 314 12.31 4.48 -14.23
N ILE A 315 11.19 4.97 -14.77
CA ILE A 315 9.99 4.15 -14.73
C ILE A 315 9.77 3.42 -16.05
N LYS A 316 10.86 3.28 -16.80
CA LYS A 316 10.83 2.52 -18.07
C LYS A 316 10.02 3.16 -19.18
N LEU A 317 9.93 4.49 -19.17
CA LEU A 317 9.24 5.20 -20.24
C LEU A 317 10.21 6.19 -20.86
N LYS A 318 11.48 5.84 -20.95
CA LYS A 318 12.47 6.74 -21.53
C LYS A 318 12.02 7.23 -22.91
N ASP A 319 12.07 8.54 -23.12
CA ASP A 319 11.66 9.13 -24.40
C ASP A 319 10.26 8.68 -24.82
N ALA A 320 9.34 8.57 -23.87
CA ALA A 320 7.96 8.17 -24.18
C ALA A 320 7.41 9.31 -25.03
N SER A 321 6.42 9.01 -25.86
CA SER A 321 5.85 10.03 -26.71
C SER A 321 4.74 10.78 -25.99
N ARG A 322 4.43 11.98 -26.49
CA ARG A 322 3.35 12.77 -25.94
C ARG A 322 2.09 11.96 -26.00
N GLU A 323 1.93 11.18 -27.08
CA GLU A 323 0.70 10.41 -27.21
C GLU A 323 0.58 9.33 -26.14
N ASP A 324 1.71 8.74 -25.77
CA ASP A 324 1.67 7.69 -24.76
C ASP A 324 1.38 8.31 -23.41
N ILE A 325 1.99 9.45 -23.16
CA ILE A 325 1.77 10.12 -21.88
C ILE A 325 0.32 10.60 -21.79
N LEU A 326 -0.26 11.01 -22.91
CA LEU A 326 -1.64 11.45 -22.85
C LEU A 326 -2.60 10.29 -22.52
N LYS A 327 -2.25 9.06 -22.89
CA LYS A 327 -3.09 7.92 -22.54
C LYS A 327 -3.09 7.78 -21.01
N VAL A 328 -1.93 7.97 -20.41
CA VAL A 328 -1.80 7.88 -18.93
C VAL A 328 -2.64 8.99 -18.32
N ALA A 329 -2.46 10.20 -18.86
CA ALA A 329 -3.21 11.32 -18.32
C ALA A 329 -4.71 11.20 -18.46
N LYS A 330 -5.20 10.64 -19.58
CA LYS A 330 -6.63 10.47 -19.78
C LYS A 330 -7.15 9.44 -18.80
N ALA A 331 -6.35 8.41 -18.54
CA ALA A 331 -6.78 7.37 -17.64
C ALA A 331 -6.77 7.93 -16.21
N ALA A 332 -5.77 8.76 -15.90
CA ALA A 332 -5.68 9.34 -14.58
C ALA A 332 -6.76 10.36 -14.32
N THR A 333 -7.37 10.90 -15.38
CA THR A 333 -8.40 11.91 -15.17
C THR A 333 -9.81 11.40 -15.48
N ALA A 334 -9.96 10.09 -15.63
CA ALA A 334 -11.27 9.49 -15.87
C ALA A 334 -12.27 9.90 -14.79
N GLU A 335 -13.55 9.85 -15.13
CA GLU A 335 -14.58 10.20 -14.16
C GLU A 335 -14.44 9.20 -13.02
N GLY A 336 -14.56 9.67 -11.79
CA GLY A 336 -14.44 8.76 -10.69
C GLY A 336 -13.04 8.65 -10.10
N GLU A 337 -12.01 9.09 -10.83
CA GLU A 337 -10.65 9.01 -10.26
C GLU A 337 -10.47 9.99 -9.12
N THR A 338 -9.46 9.73 -8.29
CA THR A 338 -9.27 10.52 -7.11
C THR A 338 -8.69 11.91 -7.33
N ILE A 339 -8.13 12.15 -8.51
CA ILE A 339 -7.52 13.46 -8.76
C ILE A 339 -8.58 14.55 -8.64
N HIS A 340 -9.82 14.23 -8.99
CA HIS A 340 -10.90 15.21 -8.93
C HIS A 340 -11.29 15.65 -7.54
N ASN A 341 -10.85 14.91 -6.52
CA ASN A 341 -11.13 15.27 -5.14
C ASN A 341 -10.33 16.49 -4.71
N ALA A 342 -9.27 16.82 -5.45
CA ALA A 342 -8.45 17.94 -5.08
C ALA A 342 -8.03 18.92 -6.17
N PHE A 343 -8.25 18.56 -7.43
CA PHE A 343 -7.82 19.39 -8.54
C PHE A 343 -8.92 19.50 -9.57
N ASN A 344 -8.84 20.57 -10.35
CA ASN A 344 -9.77 20.77 -11.44
C ASN A 344 -8.79 20.88 -12.60
N VAL A 345 -8.41 19.75 -13.16
CA VAL A 345 -7.43 19.76 -14.25
C VAL A 345 -7.89 18.88 -15.40
N THR A 346 -7.34 19.10 -16.58
CA THR A 346 -7.69 18.31 -17.75
C THR A 346 -6.59 17.28 -17.99
N ALA A 347 -6.83 16.35 -18.90
CA ALA A 347 -5.80 15.36 -19.21
C ALA A 347 -4.54 16.08 -19.75
N ASP A 348 -4.76 17.12 -20.54
CA ASP A 348 -3.62 17.84 -21.08
C ASP A 348 -2.77 18.49 -19.96
N ASP A 349 -3.43 19.03 -18.94
CA ASP A 349 -2.73 19.63 -17.81
C ASP A 349 -1.89 18.55 -17.14
N VAL A 350 -2.47 17.35 -17.00
CA VAL A 350 -1.74 16.27 -16.34
C VAL A 350 -0.58 15.73 -17.16
N ALA A 351 -0.76 15.65 -18.48
CA ALA A 351 0.32 15.19 -19.33
C ALA A 351 1.47 16.20 -19.21
N ASP A 352 1.16 17.50 -19.18
CA ASP A 352 2.22 18.49 -19.01
C ASP A 352 2.94 18.33 -17.69
N ALA A 353 2.18 18.03 -16.64
CA ALA A 353 2.78 17.87 -15.32
C ALA A 353 3.69 16.63 -15.26
N ILE A 354 3.36 15.58 -16.01
CA ILE A 354 4.25 14.39 -16.02
C ILE A 354 5.57 14.76 -16.67
N PHE A 355 5.54 15.46 -17.80
CA PHE A 355 6.80 15.86 -18.38
C PHE A 355 7.54 16.87 -17.50
N ALA A 356 6.80 17.74 -16.82
CA ALA A 356 7.46 18.74 -15.95
C ALA A 356 8.22 18.04 -14.81
N ALA A 357 7.54 17.07 -14.18
CA ALA A 357 8.18 16.35 -13.08
C ALA A 357 9.48 15.70 -13.52
N ASP A 358 9.46 15.09 -14.72
CA ASP A 358 10.65 14.44 -15.28
C ASP A 358 11.72 15.52 -15.48
N GLN A 359 11.32 16.67 -16.00
CA GLN A 359 12.30 17.75 -16.23
C GLN A 359 12.88 18.28 -14.92
N TYR A 360 12.04 18.44 -13.90
CA TYR A 360 12.54 18.95 -12.63
C TYR A 360 13.53 17.98 -11.99
N ALA A 361 13.24 16.67 -12.10
CA ALA A 361 14.14 15.67 -11.55
C ALA A 361 15.45 15.67 -12.32
N LYS A 362 15.38 15.74 -13.65
CA LYS A 362 16.61 15.78 -14.45
C LYS A 362 17.42 17.01 -14.08
N ALA A 363 16.75 18.15 -13.88
CA ALA A 363 17.46 19.39 -13.53
C ALA A 363 18.15 19.23 -12.19
N TYR A 364 17.52 18.50 -11.27
CA TYR A 364 18.13 18.31 -9.97
C TYR A 364 19.37 17.44 -10.09
N LYS A 365 19.26 16.35 -10.84
CA LYS A 365 20.34 15.39 -11.05
C LYS A 365 21.55 16.01 -11.73
N GLU A 366 21.30 16.90 -12.70
CA GLU A 366 22.42 17.56 -13.36
C GLU A 366 22.97 18.51 -12.29
N LYS A 367 22.18 18.70 -11.24
CA LYS A 367 22.50 19.54 -10.09
C LYS A 367 22.52 21.02 -10.39
#